data_6GTT
#
_entry.id   6GTT
#
_cell.length_a   100.667
_cell.length_b   100.667
_cell.length_c   145.786
_cell.angle_alpha   90.00
_cell.angle_beta   90.00
_cell.angle_gamma   120.00
#
_symmetry.space_group_name_H-M   'P 64 2 2'
#
loop_
_entity.id
_entity.type
_entity.pdbx_description
1 polymer 'Serine/threonine-protein kinase 10'
2 non-polymer 1-(5-TERT-BUTYL-2-P-TOLYL-2H-PYRAZOL-3-YL)-3-[4-(2-MORPHOLIN-4-YL-ETHOXY)-NAPHTHALEN-1-YL]-UREA
3 water water
#
_entity_poly.entity_id   1
_entity_poly.type   'polypeptide(L)'
_entity_poly.pdbx_seq_one_letter_code
;SMRKSREYEHVRRDLDPNEVWEIVGELGDGAFGKVYKAKNKETGALAAAKVIETKSEEELEDYIVEIEILATCDHPYIVK
LLGAYYHDGKLWIMIEFCPGGAVDAIMLELDRGLTEPQIQVVCRQMLEALNFLHSKRIIHRDLKAGNVLMTLEGDIRLAD
FGVSAKNLKTLQKRDSFIGTPYWMAPEVVMCETMKDTPYDYKADIWSLGITLIEMAQIEPPHHELNPMRVLLKIAKSDPP
TLLTPSKWSVEFRDFLAIALDKNPETRPSAAQLLEHPFVSSITSNKALRELVAEAKAEVMEE
;
_entity_poly.pdbx_strand_id   A
#
# COMPACT_ATOMS: atom_id res chain seq x y z
N SER A 1 33.83 -9.27 18.84
CA SER A 1 33.79 -7.83 18.47
C SER A 1 32.44 -7.24 18.84
N MET A 2 32.36 -5.92 18.73
CA MET A 2 31.17 -5.14 18.94
C MET A 2 31.34 -3.83 18.16
N ARG A 3 30.26 -3.35 17.53
CA ARG A 3 30.29 -2.18 16.69
C ARG A 3 29.41 -1.08 17.29
N LYS A 4 29.88 0.17 17.24
CA LYS A 4 29.14 1.32 17.72
C LYS A 4 28.91 2.28 16.56
N SER A 5 27.64 2.67 16.35
CA SER A 5 27.26 3.65 15.36
C SER A 5 27.87 3.29 13.99
N ARG A 6 27.36 2.20 13.40
CA ARG A 6 27.72 1.76 12.05
C ARG A 6 27.25 2.82 11.04
N GLU A 7 27.90 2.83 9.86
CA GLU A 7 27.53 3.68 8.74
C GLU A 7 26.63 2.88 7.79
N TYR A 8 25.35 3.29 7.69
CA TYR A 8 24.32 2.60 6.88
C TYR A 8 24.33 3.11 5.43
N GLU A 9 24.04 2.22 4.48
CA GLU A 9 24.36 2.40 3.06
C GLU A 9 23.58 3.56 2.43
N HIS A 10 22.33 3.80 2.86
CA HIS A 10 21.49 4.85 2.27
C HIS A 10 21.20 5.97 3.29
N VAL A 11 22.07 6.12 4.30
CA VAL A 11 21.89 7.15 5.33
C VAL A 11 23.16 7.99 5.41
N ARG A 12 22.96 9.30 5.57
CA ARG A 12 24.02 10.27 5.73
C ARG A 12 23.83 10.98 7.08
N ARG A 13 24.83 10.83 7.96
CA ARG A 13 24.78 11.39 9.32
C ARG A 13 25.67 12.63 9.39
N ASP A 14 26.21 13.03 8.23
CA ASP A 14 27.26 14.04 8.10
C ASP A 14 26.69 15.31 7.43
N LEU A 15 25.37 15.54 7.57
CA LEU A 15 24.66 16.56 6.80
C LEU A 15 23.26 16.79 7.37
N ASP A 16 22.92 18.07 7.57
CA ASP A 16 21.60 18.50 7.98
C ASP A 16 20.66 18.35 6.79
N PRO A 17 19.47 17.75 6.96
CA PRO A 17 18.45 17.73 5.90
C PRO A 17 17.94 19.13 5.52
N ASN A 18 18.00 20.09 6.45
CA ASN A 18 17.48 21.45 6.25
C ASN A 18 18.40 22.27 5.33
N GLU A 19 19.59 21.74 5.03
CA GLU A 19 20.45 22.25 3.96
C GLU A 19 19.75 21.99 2.62
N VAL A 20 19.18 20.80 2.46
CA VAL A 20 18.62 20.33 1.19
C VAL A 20 17.09 20.52 1.15
N TRP A 21 16.41 20.39 2.31
CA TRP A 21 14.95 20.22 2.34
C TRP A 21 14.26 21.27 3.22
N GLU A 22 13.32 22.03 2.63
CA GLU A 22 12.53 23.08 3.29
C GLU A 22 11.16 22.54 3.71
N ILE A 23 10.84 22.62 5.01
CA ILE A 23 9.59 22.10 5.58
C ILE A 23 8.45 23.09 5.28
N VAL A 24 7.53 22.66 4.41
CA VAL A 24 6.44 23.49 3.91
C VAL A 24 5.15 23.31 4.75
N GLY A 25 4.98 22.14 5.40
CA GLY A 25 3.79 21.95 6.25
C GLY A 25 3.60 20.52 6.75
N GLU A 26 2.47 20.32 7.42
CA GLU A 26 2.03 19.05 8.04
C GLU A 26 1.06 18.37 7.06
N LEU A 27 1.30 17.08 6.75
CA LEU A 27 0.50 16.35 5.75
C LEU A 27 -0.66 15.60 6.41
N GLY A 28 -1.32 16.24 7.39
CA GLY A 28 -2.34 15.58 8.19
C GLY A 28 -1.74 14.43 8.99
N ASP A 29 -2.60 13.53 9.48
CA ASP A 29 -2.17 12.32 10.19
C ASP A 29 -3.35 11.41 10.51
N GLY A 30 -3.01 10.19 10.95
CA GLY A 30 -3.85 9.32 11.76
C GLY A 30 -3.13 8.97 13.05
N ALA A 31 -3.15 7.69 13.42
CA ALA A 31 -2.34 7.15 14.52
C ALA A 31 -1.03 6.56 13.98
N PHE A 32 -0.66 6.96 12.75
CA PHE A 32 0.61 6.59 12.10
C PHE A 32 1.78 7.36 12.77
N GLY A 33 1.77 8.69 12.66
CA GLY A 33 2.79 9.51 13.29
C GLY A 33 2.91 10.89 12.66
N LYS A 34 4.14 11.45 12.73
CA LYS A 34 4.46 12.83 12.35
C LYS A 34 5.11 12.86 10.95
N VAL A 35 4.31 13.25 9.95
CA VAL A 35 4.74 13.37 8.55
C VAL A 35 4.62 14.83 8.10
N TYR A 36 5.56 15.25 7.23
CA TYR A 36 5.71 16.64 6.79
C TYR A 36 5.94 16.70 5.28
N LYS A 37 5.33 17.71 4.65
CA LYS A 37 5.62 18.11 3.26
C LYS A 37 6.91 18.94 3.25
N ALA A 38 7.73 18.77 2.20
CA ALA A 38 9.04 19.40 2.11
C ALA A 38 9.41 19.70 0.65
N LYS A 39 10.15 20.80 0.44
CA LYS A 39 10.64 21.23 -0.87
C LYS A 39 12.17 21.13 -0.92
N ASN A 40 12.68 20.70 -2.08
CA ASN A 40 14.11 20.60 -2.34
C ASN A 40 14.69 22.03 -2.50
N LYS A 41 15.91 22.21 -2.01
CA LYS A 41 16.56 23.52 -1.99
C LYS A 41 17.06 23.88 -3.39
N GLU A 42 17.50 22.87 -4.16
CA GLU A 42 18.08 23.06 -5.49
C GLU A 42 16.97 23.02 -6.56
N THR A 43 16.05 22.03 -6.49
CA THR A 43 15.16 21.72 -7.63
C THR A 43 13.69 22.13 -7.40
N GLY A 44 13.28 22.32 -6.15
CA GLY A 44 11.87 22.58 -5.81
C GLY A 44 10.98 21.35 -5.93
N ALA A 45 11.59 20.16 -5.95
CA ALA A 45 10.85 18.89 -5.98
C ALA A 45 10.14 18.68 -4.64
N LEU A 46 8.86 18.34 -4.70
CA LEU A 46 8.03 18.09 -3.52
C LEU A 46 8.24 16.64 -3.04
N ALA A 47 8.10 16.45 -1.72
CA ALA A 47 8.38 15.17 -1.06
C ALA A 47 7.64 15.12 0.30
N ALA A 48 7.44 13.89 0.80
CA ALA A 48 6.90 13.67 2.13
C ALA A 48 8.01 13.10 3.02
N ALA A 49 8.08 13.59 4.26
CA ALA A 49 9.16 13.30 5.20
C ALA A 49 8.56 12.92 6.55
N LYS A 50 9.00 11.78 7.10
CA LYS A 50 8.60 11.41 8.44
C LYS A 50 9.84 11.36 9.33
N VAL A 51 9.66 11.76 10.59
CA VAL A 51 10.73 11.98 11.54
C VAL A 51 10.40 11.18 12.82
N ILE A 52 11.40 10.45 13.33
CA ILE A 52 11.26 9.57 14.52
C ILE A 52 12.34 9.95 15.54
N GLU A 53 11.94 10.02 16.82
CA GLU A 53 12.83 10.43 17.93
C GLU A 53 13.53 9.22 18.54
N THR A 54 14.61 8.76 17.90
CA THR A 54 15.33 7.55 18.32
C THR A 54 16.22 7.87 19.52
N LYS A 55 16.04 7.11 20.61
CA LYS A 55 16.76 7.32 21.87
C LYS A 55 18.19 6.74 21.77
N SER A 56 18.31 5.53 21.20
CA SER A 56 19.54 4.72 21.24
C SER A 56 19.96 4.29 19.83
N GLU A 57 21.15 3.67 19.76
CA GLU A 57 21.74 3.17 18.52
C GLU A 57 21.17 1.78 18.18
N GLU A 58 20.55 1.14 19.19
CA GLU A 58 19.86 -0.14 19.01
C GLU A 58 18.51 0.10 18.34
N GLU A 59 17.80 1.15 18.76
CA GLU A 59 16.54 1.56 18.15
C GLU A 59 16.76 1.89 16.67
N LEU A 60 17.74 2.77 16.41
CA LEU A 60 18.03 3.25 15.06
C LEU A 60 18.14 2.06 14.09
N GLU A 61 18.85 1.00 14.51
CA GLU A 61 19.12 -0.18 13.68
C GLU A 61 17.78 -0.86 13.29
N ASP A 62 16.77 -0.77 14.16
CA ASP A 62 15.44 -1.33 13.89
C ASP A 62 14.76 -0.49 12.79
N TYR A 63 14.70 0.82 12.98
CA TYR A 63 13.89 1.70 12.13
C TYR A 63 14.46 1.80 10.71
N ILE A 64 15.76 1.53 10.53
CA ILE A 64 16.40 1.65 9.19
C ILE A 64 16.00 0.47 8.29
N VAL A 65 15.42 -0.59 8.86
CA VAL A 65 14.97 -1.74 8.05
C VAL A 65 14.02 -1.22 6.96
N GLU A 66 13.09 -0.33 7.33
CA GLU A 66 12.15 0.31 6.40
C GLU A 66 12.90 0.97 5.23
N ILE A 67 14.06 1.59 5.51
CA ILE A 67 14.89 2.28 4.50
C ILE A 67 15.50 1.24 3.56
N GLU A 68 16.04 0.16 4.15
CA GLU A 68 16.67 -0.92 3.37
C GLU A 68 15.65 -1.53 2.40
N ILE A 69 14.40 -1.69 2.86
CA ILE A 69 13.32 -2.24 2.04
C ILE A 69 12.93 -1.22 0.96
N LEU A 70 12.74 0.05 1.34
CA LEU A 70 12.31 1.11 0.41
C LEU A 70 13.32 1.28 -0.73
N ALA A 71 14.61 1.12 -0.41
CA ALA A 71 15.70 1.35 -1.36
C ALA A 71 15.73 0.23 -2.41
N THR A 72 15.52 -1.00 -1.94
CA THR A 72 15.66 -2.21 -2.74
C THR A 72 14.41 -2.41 -3.61
N CYS A 73 13.31 -1.68 -3.31
CA CYS A 73 12.04 -1.75 -4.07
C CYS A 73 11.87 -0.52 -4.97
N ASP A 74 12.69 -0.46 -6.02
CA ASP A 74 12.58 0.56 -7.06
C ASP A 74 11.75 -0.04 -8.20
N HIS A 75 10.52 0.46 -8.35
CA HIS A 75 9.50 -0.09 -9.27
C HIS A 75 8.49 1.01 -9.60
N PRO A 76 7.96 1.10 -10.85
CA PRO A 76 7.06 2.20 -11.21
C PRO A 76 5.77 2.38 -10.37
N TYR A 77 5.33 1.32 -9.67
CA TYR A 77 4.05 1.32 -8.93
C TYR A 77 4.27 1.22 -7.41
N ILE A 78 5.46 1.63 -6.95
CA ILE A 78 5.83 1.59 -5.54
C ILE A 78 6.42 2.96 -5.17
N VAL A 79 6.07 3.47 -3.99
CA VAL A 79 6.65 4.71 -3.48
C VAL A 79 8.18 4.64 -3.70
N LYS A 80 8.82 5.79 -3.99
CA LYS A 80 10.24 5.78 -4.39
C LYS A 80 11.06 6.59 -3.39
N LEU A 81 12.10 5.94 -2.83
CA LEU A 81 13.00 6.56 -1.87
C LEU A 81 13.78 7.69 -2.55
N LEU A 82 13.86 8.85 -1.89
CA LEU A 82 14.71 9.96 -2.35
C LEU A 82 15.98 10.06 -1.50
N GLY A 83 15.85 9.82 -0.19
CA GLY A 83 17.02 9.76 0.71
C GLY A 83 16.63 9.60 2.18
N ALA A 84 17.64 9.34 3.01
CA ALA A 84 17.48 9.28 4.47
C ALA A 84 18.66 10.03 5.12
N TYR A 85 18.37 10.74 6.22
CA TYR A 85 19.37 11.46 7.00
C TYR A 85 19.15 11.15 8.49
N TYR A 86 20.25 11.06 9.24
CA TYR A 86 20.21 10.95 10.71
C TYR A 86 21.00 12.12 11.30
N HIS A 87 20.28 13.18 11.69
CA HIS A 87 20.86 14.41 12.21
C HIS A 87 20.20 14.76 13.56
N ASP A 88 21.02 15.21 14.50
CA ASP A 88 20.63 15.38 15.90
C ASP A 88 20.37 13.97 16.45
N GLY A 89 19.20 13.75 17.09
CA GLY A 89 18.73 12.41 17.45
C GLY A 89 17.41 12.09 16.79
N LYS A 90 17.33 12.38 15.48
CA LYS A 90 16.11 12.26 14.68
C LYS A 90 16.44 11.61 13.33
N LEU A 91 15.72 10.52 13.00
CA LEU A 91 15.84 9.80 11.72
C LEU A 91 14.79 10.33 10.73
N TRP A 92 15.26 10.75 9.55
CA TRP A 92 14.42 11.32 8.50
C TRP A 92 14.34 10.32 7.33
N ILE A 93 13.11 9.97 6.95
CA ILE A 93 12.79 9.17 5.75
C ILE A 93 12.03 10.06 4.76
N MET A 94 12.43 10.03 3.47
CA MET A 94 11.68 10.80 2.46
C MET A 94 11.45 10.00 1.17
N ILE A 95 10.27 10.25 0.61
CA ILE A 95 9.81 9.65 -0.61
C ILE A 95 9.06 10.72 -1.40
N GLU A 96 9.00 10.50 -2.72
CA GLU A 96 8.35 11.39 -3.67
C GLU A 96 6.91 11.63 -3.21
N PHE A 97 6.51 12.89 -3.18
CA PHE A 97 5.15 13.30 -2.80
C PHE A 97 4.15 12.70 -3.80
N CYS A 98 2.94 12.37 -3.33
CA CYS A 98 1.88 11.76 -4.17
C CYS A 98 0.62 12.63 -4.07
N PRO A 99 0.34 13.47 -5.09
CA PRO A 99 -0.75 14.44 -5.00
C PRO A 99 -2.16 13.95 -5.39
N GLY A 100 -2.28 12.69 -5.82
CA GLY A 100 -3.59 12.11 -6.14
C GLY A 100 -4.42 11.82 -4.89
N GLY A 101 -3.75 11.29 -3.86
CA GLY A 101 -4.39 10.86 -2.61
C GLY A 101 -4.63 9.34 -2.59
N ALA A 102 -4.76 8.79 -1.39
CA ALA A 102 -5.05 7.35 -1.18
C ALA A 102 -6.38 7.00 -1.82
N VAL A 103 -6.49 5.78 -2.37
CA VAL A 103 -7.69 5.34 -3.10
C VAL A 103 -8.93 5.43 -2.19
N ASP A 104 -8.77 5.26 -0.88
CA ASP A 104 -9.93 5.29 0.02
C ASP A 104 -10.39 6.73 0.21
N ALA A 105 -9.44 7.68 0.32
CA ALA A 105 -9.77 9.10 0.48
C ALA A 105 -10.51 9.62 -0.76
N ILE A 106 -10.12 9.12 -1.95
CA ILE A 106 -10.81 9.43 -3.21
C ILE A 106 -12.27 8.97 -3.09
N MET A 107 -12.46 7.71 -2.67
CA MET A 107 -13.80 7.12 -2.55
C MET A 107 -14.65 7.94 -1.57
N LEU A 108 -14.05 8.43 -0.48
CA LEU A 108 -14.77 9.17 0.58
C LEU A 108 -15.37 10.47 0.01
N GLU A 109 -14.53 11.24 -0.68
CA GLU A 109 -14.85 12.60 -1.11
C GLU A 109 -15.91 12.59 -2.23
N LEU A 110 -15.90 11.53 -3.06
CA LEU A 110 -16.91 11.33 -4.12
C LEU A 110 -18.17 10.65 -3.56
N ASP A 111 -18.08 10.11 -2.34
CA ASP A 111 -19.19 9.37 -1.75
C ASP A 111 -19.65 8.28 -2.73
N ARG A 112 -18.69 7.56 -3.34
CA ARG A 112 -19.00 6.45 -4.24
C ARG A 112 -17.77 5.55 -4.39
N GLY A 113 -18.00 4.31 -4.80
CA GLY A 113 -16.93 3.35 -5.05
C GLY A 113 -16.42 3.46 -6.47
N LEU A 114 -15.34 2.73 -6.77
CA LEU A 114 -14.75 2.74 -8.11
C LEU A 114 -15.63 1.97 -9.10
N THR A 115 -15.57 2.42 -10.36
CA THR A 115 -16.14 1.67 -11.49
C THR A 115 -15.23 0.48 -11.78
N GLU A 116 -15.70 -0.43 -12.65
CA GLU A 116 -14.98 -1.67 -12.92
C GLU A 116 -13.71 -1.39 -13.69
N PRO A 117 -13.71 -0.59 -14.78
CA PRO A 117 -12.47 -0.25 -15.50
C PRO A 117 -11.44 0.45 -14.59
N GLN A 118 -11.93 1.24 -13.63
CA GLN A 118 -11.09 1.87 -12.60
C GLN A 118 -10.44 0.77 -11.75
N ILE A 119 -11.23 -0.21 -11.30
CA ILE A 119 -10.73 -1.32 -10.45
C ILE A 119 -9.73 -2.18 -11.23
N GLN A 120 -10.00 -2.45 -12.51
CA GLN A 120 -9.11 -3.22 -13.39
C GLN A 120 -7.68 -2.63 -13.42
N VAL A 121 -7.54 -1.31 -13.57
CA VAL A 121 -6.20 -0.70 -13.69
C VAL A 121 -5.44 -0.89 -12.36
N VAL A 122 -6.09 -0.49 -11.25
CA VAL A 122 -5.52 -0.65 -9.89
C VAL A 122 -5.05 -2.09 -9.70
N CYS A 123 -5.89 -3.04 -10.14
CA CYS A 123 -5.67 -4.45 -9.93
C CYS A 123 -4.42 -4.91 -10.69
N ARG A 124 -4.38 -4.59 -11.99
CA ARG A 124 -3.26 -4.94 -12.86
C ARG A 124 -1.96 -4.34 -12.29
N GLN A 125 -1.99 -3.10 -11.82
CA GLN A 125 -0.77 -2.43 -11.33
C GLN A 125 -0.37 -3.02 -9.98
N MET A 126 -1.34 -3.24 -9.09
CA MET A 126 -1.06 -3.86 -7.79
C MET A 126 -0.41 -5.23 -8.01
N LEU A 127 -0.91 -5.95 -9.02
CA LEU A 127 -0.42 -7.29 -9.35
C LEU A 127 1.04 -7.19 -9.83
N GLU A 128 1.34 -6.23 -10.71
CA GLU A 128 2.70 -6.05 -11.23
C GLU A 128 3.68 -5.83 -10.07
N ALA A 129 3.24 -5.07 -9.05
CA ALA A 129 4.07 -4.68 -7.91
C ALA A 129 4.27 -5.85 -6.94
N LEU A 130 3.19 -6.60 -6.67
CA LEU A 130 3.23 -7.79 -5.78
C LEU A 130 4.15 -8.86 -6.38
N ASN A 131 4.06 -9.05 -7.70
CA ASN A 131 4.92 -10.00 -8.44
C ASN A 131 6.39 -9.61 -8.25
N PHE A 132 6.66 -8.30 -8.21
CA PHE A 132 8.02 -7.76 -8.01
C PHE A 132 8.43 -7.92 -6.53
N LEU A 133 7.51 -7.60 -5.61
CA LEU A 133 7.76 -7.74 -4.17
C LEU A 133 8.11 -9.19 -3.83
N HIS A 134 7.34 -10.13 -4.39
CA HIS A 134 7.54 -11.54 -4.14
C HIS A 134 8.84 -11.99 -4.83
N SER A 135 9.17 -11.34 -5.96
CA SER A 135 10.47 -11.53 -6.66
C SER A 135 11.66 -11.32 -5.71
N LYS A 136 11.52 -10.36 -4.78
CA LYS A 136 12.59 -9.99 -3.83
C LYS A 136 12.43 -10.75 -2.50
N ARG A 137 11.47 -11.67 -2.45
CA ARG A 137 11.09 -12.42 -1.23
C ARG A 137 10.70 -11.43 -0.12
N ILE A 138 9.84 -10.46 -0.46
CA ILE A 138 9.32 -9.46 0.46
C ILE A 138 7.79 -9.57 0.48
N ILE A 139 7.21 -9.69 1.68
CA ILE A 139 5.77 -9.79 1.87
C ILE A 139 5.26 -8.48 2.48
N HIS A 140 4.13 -7.98 1.98
CA HIS A 140 3.58 -6.69 2.41
C HIS A 140 2.92 -6.84 3.80
N ARG A 141 1.87 -7.67 3.87
CA ARG A 141 1.22 -8.14 5.11
C ARG A 141 0.09 -7.23 5.60
N ASP A 142 -0.11 -6.05 4.99
CA ASP A 142 -1.21 -5.15 5.39
C ASP A 142 -1.80 -4.42 4.18
N LEU A 143 -2.09 -5.18 3.10
CA LEU A 143 -2.69 -4.61 1.89
C LEU A 143 -4.12 -4.14 2.21
N LYS A 144 -4.43 -2.92 1.76
CA LYS A 144 -5.78 -2.35 1.81
C LYS A 144 -5.81 -1.11 0.90
N ALA A 145 -6.97 -0.46 0.75
CA ALA A 145 -7.11 0.69 -0.18
C ALA A 145 -6.29 1.88 0.31
N GLY A 146 -6.21 2.07 1.64
CA GLY A 146 -5.50 3.20 2.27
C GLY A 146 -4.00 3.23 2.00
N ASN A 147 -3.44 2.13 1.50
CA ASN A 147 -2.02 2.02 1.18
C ASN A 147 -1.81 2.05 -0.35
N VAL A 148 -2.87 2.37 -1.09
CA VAL A 148 -2.77 2.63 -2.53
C VAL A 148 -2.88 4.16 -2.73
N LEU A 149 -1.73 4.80 -2.96
CA LEU A 149 -1.64 6.26 -3.22
C LEU A 149 -1.67 6.50 -4.73
N MET A 150 -2.02 7.74 -5.12
CA MET A 150 -2.24 8.09 -6.52
C MET A 150 -1.39 9.31 -6.92
N THR A 151 -0.89 9.28 -8.16
CA THR A 151 -0.36 10.42 -8.88
C THR A 151 -1.46 11.00 -9.78
N LEU A 152 -1.21 12.21 -10.31
CA LEU A 152 -2.09 12.85 -11.30
C LEU A 152 -1.96 12.14 -12.65
N GLU A 153 -0.82 11.46 -12.88
CA GLU A 153 -0.49 10.84 -14.17
C GLU A 153 -1.37 9.61 -14.44
N GLY A 154 -1.93 9.00 -13.37
CA GLY A 154 -2.86 7.87 -13.50
C GLY A 154 -2.39 6.61 -12.79
N ASP A 155 -1.11 6.55 -12.42
CA ASP A 155 -0.46 5.35 -11.88
C ASP A 155 -0.58 5.33 -10.34
N ILE A 156 -0.71 4.12 -9.75
CA ILE A 156 -0.68 3.94 -8.27
C ILE A 156 0.76 4.10 -7.76
N ARG A 157 0.88 4.39 -6.46
CA ARG A 157 2.10 4.17 -5.69
C ARG A 157 1.73 3.38 -4.44
N LEU A 158 2.16 2.11 -4.36
CA LEU A 158 1.91 1.23 -3.21
C LEU A 158 2.75 1.66 -2.00
N ALA A 159 2.08 1.87 -0.86
CA ALA A 159 2.67 2.30 0.40
C ALA A 159 2.36 1.28 1.51
N ASP A 160 2.78 1.61 2.74
CA ASP A 160 2.58 0.80 3.94
C ASP A 160 2.85 1.67 5.17
N PHE A 161 1.78 2.04 5.89
CA PHE A 161 1.80 2.87 7.11
C PHE A 161 1.81 1.95 8.35
N GLY A 162 2.98 1.40 8.69
CA GLY A 162 3.08 0.36 9.71
C GLY A 162 2.83 0.87 11.12
N THR A 180 -10.69 -4.25 12.76
CA THR A 180 -9.41 -3.70 12.31
C THR A 180 -8.81 -4.58 11.22
N PRO A 181 -8.63 -5.91 11.42
CA PRO A 181 -8.02 -6.77 10.41
C PRO A 181 -9.01 -7.40 9.42
N TYR A 182 -9.81 -6.55 8.76
CA TYR A 182 -10.83 -7.02 7.85
C TYR A 182 -10.18 -7.72 6.64
N TRP A 183 -8.88 -7.47 6.40
CA TRP A 183 -8.17 -7.90 5.18
C TRP A 183 -7.28 -9.11 5.47
N MET A 184 -7.32 -9.64 6.70
CA MET A 184 -6.44 -10.73 7.13
C MET A 184 -6.86 -12.05 6.45
N ALA A 185 -5.84 -12.81 6.01
CA ALA A 185 -6.05 -14.13 5.40
C ALA A 185 -6.45 -15.15 6.48
N PRO A 186 -7.32 -16.14 6.17
CA PRO A 186 -7.76 -17.15 7.14
C PRO A 186 -6.64 -17.96 7.80
N GLU A 187 -5.61 -18.36 7.04
CA GLU A 187 -4.48 -19.08 7.62
C GLU A 187 -3.76 -18.20 8.66
N VAL A 188 -3.81 -16.88 8.49
CA VAL A 188 -3.13 -15.98 9.44
C VAL A 188 -4.05 -15.77 10.65
N VAL A 189 -5.36 -15.60 10.43
CA VAL A 189 -6.31 -15.57 11.55
C VAL A 189 -6.07 -16.77 12.47
N MET A 190 -6.01 -17.98 11.88
CA MET A 190 -6.06 -19.27 12.63
C MET A 190 -4.71 -19.58 13.31
N CYS A 191 -3.62 -18.98 12.82
CA CYS A 191 -2.27 -19.29 13.27
C CYS A 191 -2.12 -19.06 14.77
N GLU A 192 -1.36 -19.95 15.43
CA GLU A 192 -1.01 -19.86 16.86
C GLU A 192 0.51 -19.69 17.07
N THR A 193 1.30 -19.86 15.99
CA THR A 193 2.77 -19.74 16.02
C THR A 193 3.23 -18.73 14.96
N ASP A 196 7.02 -19.19 10.45
CA ASP A 196 7.48 -19.43 9.09
C ASP A 196 6.57 -20.45 8.41
N THR A 197 6.52 -20.40 7.07
CA THR A 197 5.74 -21.35 6.24
C THR A 197 6.03 -21.07 4.76
N PRO A 198 5.93 -22.09 3.87
CA PRO A 198 6.24 -21.89 2.44
C PRO A 198 5.18 -21.14 1.61
N TYR A 199 4.06 -20.73 2.23
CA TYR A 199 2.96 -20.03 1.54
C TYR A 199 2.52 -18.77 2.32
N ASP A 200 3.50 -18.06 2.90
CA ASP A 200 3.26 -16.78 3.58
C ASP A 200 2.99 -15.70 2.53
N TYR A 201 3.69 -15.79 1.40
CA TYR A 201 3.57 -14.80 0.35
C TYR A 201 2.13 -14.74 -0.17
N LYS A 202 1.41 -15.87 -0.07
CA LYS A 202 0.02 -16.02 -0.55
C LYS A 202 -0.98 -15.15 0.22
N ALA A 203 -0.66 -14.79 1.47
CA ALA A 203 -1.57 -14.00 2.33
C ALA A 203 -1.92 -12.66 1.68
N ASP A 204 -0.96 -12.09 0.92
CA ASP A 204 -1.18 -10.82 0.22
C ASP A 204 -2.28 -10.98 -0.83
N ILE A 205 -2.37 -12.18 -1.42
CA ILE A 205 -3.33 -12.47 -2.50
C ILE A 205 -4.76 -12.50 -1.95
N TRP A 206 -4.96 -13.05 -0.75
CA TRP A 206 -6.24 -12.94 -0.06
C TRP A 206 -6.56 -11.45 0.14
N SER A 207 -5.67 -10.74 0.82
CA SER A 207 -5.80 -9.28 1.09
C SER A 207 -6.07 -8.47 -0.20
N LEU A 208 -5.40 -8.82 -1.30
CA LEU A 208 -5.65 -8.14 -2.58
C LEU A 208 -7.13 -8.27 -2.93
N GLY A 209 -7.66 -9.51 -2.84
CA GLY A 209 -9.05 -9.80 -3.15
C GLY A 209 -10.03 -9.00 -2.30
N ILE A 210 -9.76 -8.92 -0.99
CA ILE A 210 -10.59 -8.13 -0.09
C ILE A 210 -10.48 -6.64 -0.45
N THR A 211 -9.30 -6.20 -0.93
CA THR A 211 -9.11 -4.82 -1.33
C THR A 211 -9.99 -4.52 -2.57
N LEU A 212 -10.13 -5.47 -3.50
CA LEU A 212 -10.96 -5.24 -4.70
C LEU A 212 -12.42 -5.05 -4.29
N ILE A 213 -12.89 -5.77 -3.26
CA ILE A 213 -14.29 -5.66 -2.82
C ILE A 213 -14.49 -4.30 -2.13
N GLU A 214 -13.49 -3.90 -1.34
CA GLU A 214 -13.47 -2.59 -0.68
C GLU A 214 -13.58 -1.48 -1.74
N MET A 215 -12.88 -1.65 -2.87
CA MET A 215 -12.87 -0.66 -3.91
C MET A 215 -14.22 -0.64 -4.65
N ALA A 216 -14.90 -1.80 -4.69
CA ALA A 216 -16.17 -1.93 -5.38
C ALA A 216 -17.34 -1.40 -4.52
N GLN A 217 -17.24 -1.51 -3.20
CA GLN A 217 -18.39 -1.33 -2.31
C GLN A 217 -18.09 -0.30 -1.20
N ILE A 218 -16.98 0.44 -1.34
CA ILE A 218 -16.48 1.47 -0.42
C ILE A 218 -15.85 0.79 0.82
N GLU A 219 -16.65 0.04 1.57
CA GLU A 219 -16.22 -0.57 2.84
C GLU A 219 -15.86 -2.04 2.60
N PRO A 220 -15.04 -2.66 3.47
CA PRO A 220 -14.74 -4.09 3.35
C PRO A 220 -15.82 -5.00 3.92
N PRO A 221 -15.83 -6.30 3.55
CA PRO A 221 -16.74 -7.27 4.15
C PRO A 221 -16.69 -7.30 5.69
N HIS A 222 -17.86 -7.45 6.31
CA HIS A 222 -18.03 -7.56 7.76
C HIS A 222 -17.75 -6.21 8.44
N HIS A 223 -17.86 -5.11 7.68
CA HIS A 223 -17.67 -3.74 8.22
C HIS A 223 -18.70 -3.44 9.31
N GLU A 224 -19.89 -4.05 9.19
CA GLU A 224 -21.03 -3.72 10.04
C GLU A 224 -20.95 -4.44 11.40
N LEU A 225 -19.95 -5.30 11.62
CA LEU A 225 -19.91 -6.16 12.82
C LEU A 225 -19.11 -5.49 13.94
N ASN A 226 -19.47 -5.85 15.18
CA ASN A 226 -18.60 -5.67 16.32
C ASN A 226 -17.22 -6.19 15.98
N PRO A 227 -16.16 -5.35 16.05
CA PRO A 227 -14.79 -5.79 15.79
C PRO A 227 -14.34 -7.05 16.55
N MET A 228 -14.92 -7.29 17.74
CA MET A 228 -14.67 -8.53 18.52
C MET A 228 -14.94 -9.77 17.67
N ARG A 229 -15.96 -9.70 16.81
CA ARG A 229 -16.50 -10.85 16.09
C ARG A 229 -15.80 -11.07 14.74
N VAL A 230 -14.90 -10.17 14.34
CA VAL A 230 -14.44 -10.15 12.94
C VAL A 230 -13.50 -11.33 12.66
N LEU A 231 -12.57 -11.64 13.58
CA LEU A 231 -11.63 -12.75 13.36
C LEU A 231 -12.43 -14.07 13.31
N LEU A 232 -13.40 -14.23 14.22
CA LEU A 232 -14.31 -15.36 14.21
C LEU A 232 -14.98 -15.46 12.83
N LYS A 233 -15.63 -14.37 12.40
CA LYS A 233 -16.42 -14.40 11.17
C LYS A 233 -15.56 -14.86 9.99
N ILE A 234 -14.31 -14.38 9.91
CA ILE A 234 -13.44 -14.69 8.80
C ILE A 234 -13.05 -16.16 8.86
N ALA A 235 -12.77 -16.68 10.07
CA ALA A 235 -12.33 -18.07 10.25
C ALA A 235 -13.39 -19.06 9.76
N LYS A 236 -14.67 -18.80 10.07
CA LYS A 236 -15.78 -19.76 9.96
C LYS A 236 -16.67 -19.52 8.72
N SER A 237 -16.48 -18.41 7.99
CA SER A 237 -17.39 -18.07 6.88
C SER A 237 -16.82 -18.58 5.55
N ASP A 238 -17.72 -18.83 4.59
CA ASP A 238 -17.29 -19.05 3.21
C ASP A 238 -16.61 -17.77 2.75
N PRO A 239 -15.71 -17.81 1.74
CA PRO A 239 -15.11 -16.58 1.22
C PRO A 239 -16.20 -15.58 0.86
N PRO A 240 -15.98 -14.26 1.06
CA PRO A 240 -16.94 -13.24 0.64
C PRO A 240 -17.06 -13.10 -0.89
N THR A 241 -18.25 -12.70 -1.35
CA THR A 241 -18.60 -12.45 -2.75
C THR A 241 -19.22 -11.04 -2.88
N LEU A 242 -19.37 -10.55 -4.11
CA LEU A 242 -19.91 -9.22 -4.34
C LEU A 242 -21.39 -9.21 -3.96
N LEU A 243 -21.82 -8.15 -3.27
CA LEU A 243 -23.19 -8.01 -2.81
C LEU A 243 -24.19 -8.07 -3.97
N THR A 244 -23.81 -7.50 -5.13
CA THR A 244 -24.71 -7.44 -6.30
C THR A 244 -23.97 -7.93 -7.55
N PRO A 245 -23.83 -9.25 -7.76
CA PRO A 245 -22.97 -9.76 -8.83
C PRO A 245 -23.35 -9.27 -10.24
N SER A 246 -24.65 -8.99 -10.45
CA SER A 246 -25.20 -8.62 -11.75
C SER A 246 -24.62 -7.29 -12.27
N LYS A 247 -24.11 -6.45 -11.35
CA LYS A 247 -23.53 -5.15 -11.67
C LYS A 247 -22.11 -5.31 -12.23
N TRP A 248 -21.54 -6.50 -12.16
CA TRP A 248 -20.14 -6.72 -12.46
C TRP A 248 -19.97 -7.81 -13.52
N SER A 249 -18.83 -7.77 -14.21
CA SER A 249 -18.42 -8.74 -15.20
C SER A 249 -18.21 -10.13 -14.56
N VAL A 250 -18.29 -11.15 -15.41
CA VAL A 250 -18.07 -12.54 -15.03
C VAL A 250 -16.59 -12.73 -14.72
N GLU A 251 -15.73 -12.06 -15.49
CA GLU A 251 -14.28 -12.14 -15.31
C GLU A 251 -13.91 -11.67 -13.88
N PHE A 252 -14.62 -10.67 -13.36
CA PHE A 252 -14.36 -10.10 -12.05
C PHE A 252 -14.77 -11.11 -10.98
N ARG A 253 -16.02 -11.59 -11.06
CA ARG A 253 -16.54 -12.57 -10.09
C ARG A 253 -15.64 -13.82 -10.03
N ASP A 254 -15.24 -14.31 -11.21
CA ASP A 254 -14.36 -15.49 -11.30
C ASP A 254 -13.01 -15.16 -10.66
N PHE A 255 -12.48 -13.95 -10.93
CA PHE A 255 -11.18 -13.52 -10.36
C PHE A 255 -11.22 -13.61 -8.82
N LEU A 256 -12.22 -12.97 -8.20
CA LEU A 256 -12.43 -13.05 -6.74
C LEU A 256 -12.50 -14.51 -6.27
N ALA A 257 -13.23 -15.37 -7.00
CA ALA A 257 -13.49 -16.75 -6.56
C ALA A 257 -12.18 -17.51 -6.35
N ILE A 258 -11.23 -17.36 -7.28
CA ILE A 258 -9.96 -18.10 -7.24
C ILE A 258 -8.94 -17.32 -6.39
N ALA A 259 -9.05 -15.99 -6.33
CA ALA A 259 -8.16 -15.18 -5.44
C ALA A 259 -8.49 -15.42 -3.97
N LEU A 260 -9.80 -15.45 -3.63
CA LEU A 260 -10.30 -15.61 -2.26
C LEU A 260 -10.51 -17.11 -1.93
N ASP A 261 -9.43 -17.88 -2.07
CA ASP A 261 -9.36 -19.29 -1.76
C ASP A 261 -8.76 -19.44 -0.35
N LYS A 262 -9.45 -20.15 0.54
CA LYS A 262 -9.07 -20.23 1.95
C LYS A 262 -7.86 -21.16 2.13
N ASN A 263 -7.52 -21.96 1.12
CA ASN A 263 -6.35 -22.84 1.15
C ASN A 263 -5.16 -22.13 0.53
N PRO A 264 -4.15 -21.68 1.31
CA PRO A 264 -3.03 -20.95 0.74
C PRO A 264 -2.27 -21.73 -0.35
N GLU A 265 -2.30 -23.06 -0.25
CA GLU A 265 -1.59 -23.94 -1.17
C GLU A 265 -2.20 -23.89 -2.58
N THR A 266 -3.53 -23.75 -2.70
CA THR A 266 -4.20 -23.75 -4.04
C THR A 266 -4.51 -22.33 -4.52
N ARG A 267 -4.50 -21.34 -3.61
CA ARG A 267 -4.56 -19.91 -3.95
C ARG A 267 -3.47 -19.59 -5.00
N PRO A 268 -3.80 -18.88 -6.09
CA PRO A 268 -2.79 -18.57 -7.12
C PRO A 268 -1.81 -17.44 -6.79
N SER A 269 -0.61 -17.52 -7.38
CA SER A 269 0.43 -16.48 -7.30
C SER A 269 -0.01 -15.22 -8.05
N ALA A 270 0.71 -14.13 -7.78
CA ALA A 270 0.54 -12.83 -8.42
C ALA A 270 0.73 -12.95 -9.94
N ALA A 271 1.72 -13.77 -10.34
CA ALA A 271 2.04 -14.04 -11.73
C ALA A 271 0.87 -14.77 -12.41
N GLN A 272 0.32 -15.80 -11.74
CA GLN A 272 -0.76 -16.59 -12.30
C GLN A 272 -1.99 -15.69 -12.55
N LEU A 273 -2.32 -14.81 -11.60
CA LEU A 273 -3.46 -13.88 -11.78
C LEU A 273 -3.22 -12.89 -12.93
N LEU A 274 -1.96 -12.50 -13.18
CA LEU A 274 -1.67 -11.55 -14.27
C LEU A 274 -2.19 -12.10 -15.61
N GLU A 275 -2.21 -13.43 -15.75
CA GLU A 275 -2.70 -14.10 -16.96
C GLU A 275 -4.23 -14.17 -16.98
N HIS A 276 -4.91 -13.85 -15.87
CA HIS A 276 -6.37 -13.93 -15.82
C HIS A 276 -6.97 -12.87 -16.73
N PRO A 277 -8.05 -13.19 -17.50
CA PRO A 277 -8.64 -12.25 -18.46
C PRO A 277 -9.20 -10.93 -17.91
N PHE A 278 -9.33 -10.83 -16.58
CA PHE A 278 -9.74 -9.60 -15.89
C PHE A 278 -8.67 -8.49 -15.96
N VAL A 279 -7.40 -8.89 -16.15
CA VAL A 279 -6.30 -7.92 -16.15
C VAL A 279 -5.31 -8.14 -17.32
N SER A 280 -5.40 -9.27 -18.04
CA SER A 280 -4.30 -9.70 -18.93
C SER A 280 -4.21 -8.81 -20.18
N SER A 281 -5.25 -8.02 -20.49
CA SER A 281 -5.27 -7.15 -21.70
C SER A 281 -5.26 -5.66 -21.36
N ILE A 282 -5.17 -5.33 -20.07
CA ILE A 282 -5.14 -3.91 -19.63
C ILE A 282 -3.77 -3.31 -19.93
N THR A 283 -3.72 -2.35 -20.87
CA THR A 283 -2.47 -1.64 -21.24
C THR A 283 -2.53 -0.15 -20.86
N SER A 284 -3.70 0.48 -21.02
CA SER A 284 -3.89 1.90 -20.72
C SER A 284 -4.21 2.08 -19.23
N ASN A 285 -3.82 3.25 -18.70
CA ASN A 285 -4.04 3.67 -17.31
C ASN A 285 -5.13 4.74 -17.26
N LYS A 286 -5.81 4.96 -18.40
CA LYS A 286 -6.61 6.17 -18.68
C LYS A 286 -7.67 6.35 -17.59
N ALA A 287 -8.51 5.34 -17.39
CA ALA A 287 -9.67 5.41 -16.47
C ALA A 287 -9.27 5.93 -15.08
N LEU A 288 -8.01 5.69 -14.67
CA LEU A 288 -7.49 6.16 -13.38
C LEU A 288 -6.96 7.60 -13.47
N ARG A 289 -6.44 8.00 -14.64
CA ARG A 289 -6.18 9.42 -14.92
C ARG A 289 -7.48 10.21 -14.70
N GLU A 290 -8.55 9.72 -15.32
CA GLU A 290 -9.86 10.38 -15.33
C GLU A 290 -10.43 10.44 -13.90
N LEU A 291 -10.14 9.41 -13.09
CA LEU A 291 -10.69 9.31 -11.74
C LEU A 291 -10.07 10.38 -10.84
N VAL A 292 -8.75 10.48 -10.88
CA VAL A 292 -8.02 11.38 -10.00
C VAL A 292 -8.39 12.84 -10.32
N ALA A 293 -8.71 13.12 -11.59
CA ALA A 293 -9.09 14.47 -12.05
C ALA A 293 -10.45 14.89 -11.46
N GLU A 294 -11.43 13.98 -11.42
CA GLU A 294 -12.75 14.28 -10.85
C GLU A 294 -12.59 14.68 -9.38
N ALA A 295 -11.81 13.86 -8.65
CA ALA A 295 -11.51 14.06 -7.24
C ALA A 295 -10.78 15.38 -7.05
N LYS A 296 -9.84 15.69 -7.95
CA LYS A 296 -9.05 16.93 -7.96
C LYS A 296 -9.96 18.15 -8.17
N ALA A 297 -10.95 18.01 -9.08
CA ALA A 297 -11.85 19.12 -9.46
C ALA A 297 -12.80 19.48 -8.30
N GLU A 298 -13.12 18.51 -7.44
CA GLU A 298 -14.08 18.67 -6.33
C GLU A 298 -13.37 19.03 -5.01
N VAL A 299 -12.03 19.11 -5.02
CA VAL A 299 -11.24 19.53 -3.84
C VAL A 299 -11.66 20.96 -3.44
N MET A 300 -11.76 21.85 -4.43
CA MET A 300 -12.02 23.27 -4.21
C MET A 300 -13.47 23.59 -4.57
N GLU A 301 -13.82 23.39 -5.85
CA GLU A 301 -15.13 23.75 -6.42
C GLU A 301 -15.20 25.27 -6.60
#